data_9CDZ
#
_entry.id   9CDZ
#
_cell.length_a   36.775
_cell.length_b   48.930
_cell.length_c   49.266
_cell.angle_alpha   90.000
_cell.angle_beta   111.643
_cell.angle_gamma   90.000
#
_symmetry.space_group_name_H-M   'P 1 21 1'
#
loop_
_entity.id
_entity.type
_entity.pdbx_description
1 polymer 'E3 ubiquitin-protein ligase Mdm2'
2 polymer Peptide
3 non-polymer 'SODIUM ION'
4 water water
#
loop_
_entity_poly.entity_id
_entity_poly.type
_entity_poly.pdbx_seq_one_letter_code
_entity_poly.pdbx_strand_id
1 'polypeptide(L)'
;QIPASEQETLVRPKPLLLKLLKSVGAQKDTYTMKEVLFYLGQYIMTKRLYDAAQQHIVYCSNDLLGDLFGVPSFSVKEHR
KIYTMIYRNLVVVNQQESSDSGTSVSEN
;
A,C
2 'polypeptide(L)' GLIDGTEGTDFESMWR B,D
#
# COMPACT_ATOMS: atom_id res chain seq x y z
N GLN A 1 17.19 5.06 0.15
CA GLN A 1 17.45 3.67 0.49
C GLN A 1 17.13 2.74 -0.67
N ILE A 2 16.82 3.32 -1.83
CA ILE A 2 16.70 2.49 -3.03
C ILE A 2 18.09 2.07 -3.48
N PRO A 3 18.35 0.78 -3.71
CA PRO A 3 19.67 0.37 -4.20
C PRO A 3 20.00 1.06 -5.51
N ALA A 4 21.29 1.31 -5.71
CA ALA A 4 21.75 1.98 -6.92
C ALA A 4 21.25 1.24 -8.17
N SER A 5 21.36 -0.08 -8.17
CA SER A 5 20.90 -0.86 -9.32
C SER A 5 19.40 -0.79 -9.54
N GLU A 6 18.65 -0.11 -8.67
CA GLU A 6 17.21 0.06 -8.83
C GLU A 6 16.76 1.50 -8.94
N GLN A 7 17.66 2.48 -8.76
CA GLN A 7 17.24 3.87 -8.77
C GLN A 7 16.80 4.32 -10.17
N GLU A 8 17.32 3.70 -11.21
CA GLU A 8 16.98 4.05 -12.59
C GLU A 8 15.85 3.18 -13.16
N THR A 9 15.39 2.18 -12.42
CA THR A 9 14.31 1.32 -12.89
C THR A 9 13.09 2.16 -13.28
N LEU A 10 12.56 1.89 -14.47
CA LEU A 10 11.39 2.60 -14.95
C LEU A 10 10.12 2.09 -14.27
N VAL A 11 9.20 3.00 -13.97
CA VAL A 11 7.93 2.64 -13.36
C VAL A 11 6.82 3.45 -14.02
N ARG A 12 5.63 2.87 -14.03
CA ARG A 12 4.43 3.48 -14.63
C ARG A 12 3.43 3.83 -13.54
N PRO A 13 3.31 5.10 -13.15
CA PRO A 13 2.36 5.46 -12.10
C PRO A 13 0.91 5.24 -12.52
N LYS A 14 0.10 4.86 -11.54
CA LYS A 14 -1.34 4.76 -11.74
C LYS A 14 -1.97 6.15 -11.71
N PRO A 15 -3.23 6.28 -12.17
CA PRO A 15 -3.81 7.64 -12.34
C PRO A 15 -3.66 8.57 -11.15
N LEU A 16 -3.95 8.11 -9.94
CA LEU A 16 -4.00 9.05 -8.81
C LEU A 16 -2.61 9.59 -8.50
N LEU A 17 -1.60 8.74 -8.55
CA LEU A 17 -0.23 9.21 -8.35
C LEU A 17 0.22 10.08 -9.53
N LEU A 18 -0.19 9.71 -10.74
CA LEU A 18 0.09 10.53 -11.91
C LEU A 18 -0.47 11.94 -11.75
N LYS A 19 -1.68 12.07 -11.19
CA LYS A 19 -2.23 13.40 -10.92
C LYS A 19 -1.34 14.17 -9.98
N LEU A 20 -0.84 13.50 -8.94
CA LEU A 20 -0.03 14.18 -7.94
C LEU A 20 1.29 14.66 -8.53
N LEU A 21 1.96 13.79 -9.28
CA LEU A 21 3.22 14.16 -9.91
C LEU A 21 3.03 15.37 -10.83
N LYS A 22 1.92 15.41 -11.57
CA LYS A 22 1.69 16.53 -12.49
C LYS A 22 1.53 17.85 -11.75
N SER A 23 0.95 17.83 -10.55
CA SER A 23 0.68 19.07 -9.83
C SER A 23 1.96 19.81 -9.43
N VAL A 24 3.09 19.12 -9.37
CA VAL A 24 4.35 19.77 -9.08
C VAL A 24 5.20 19.93 -10.34
N GLY A 25 4.57 19.93 -11.52
CA GLY A 25 5.27 20.28 -12.74
C GLY A 25 5.83 19.13 -13.54
N ALA A 26 5.62 17.88 -13.12
CA ALA A 26 6.05 16.76 -13.94
C ALA A 26 5.21 16.69 -15.20
N GLN A 27 5.81 16.15 -16.27
CA GLN A 27 5.14 16.06 -17.56
C GLN A 27 5.27 14.68 -18.20
N LYS A 28 5.79 13.69 -17.50
CA LYS A 28 6.06 12.38 -18.06
C LYS A 28 4.97 11.38 -17.70
N ASP A 29 4.81 10.37 -18.56
CA ASP A 29 4.02 9.19 -18.24
C ASP A 29 4.87 8.12 -17.56
N THR A 30 6.16 8.10 -17.85
CA THR A 30 7.10 7.13 -17.31
C THR A 30 8.15 7.85 -16.48
N TYR A 31 8.50 7.26 -15.34
CA TYR A 31 9.47 7.86 -14.43
C TYR A 31 10.43 6.78 -13.95
N THR A 32 11.58 7.24 -13.47
CA THR A 32 12.44 6.38 -12.67
C THR A 32 11.97 6.42 -11.22
N MET A 33 12.31 5.35 -10.49
CA MET A 33 11.91 5.27 -9.10
C MET A 33 12.42 6.49 -8.32
N LYS A 34 13.60 6.96 -8.66
CA LYS A 34 14.18 8.11 -7.96
C LYS A 34 13.40 9.40 -8.25
N GLU A 35 12.96 9.56 -9.49
CA GLU A 35 12.16 10.74 -9.83
C GLU A 35 10.82 10.73 -9.09
N VAL A 36 10.17 9.57 -9.01
CA VAL A 36 8.91 9.48 -8.27
C VAL A 36 9.11 9.94 -6.83
N LEU A 37 10.22 9.53 -6.21
CA LEU A 37 10.46 9.90 -4.83
C LEU A 37 10.72 11.39 -4.70
N PHE A 38 11.51 11.97 -5.61
CA PHE A 38 11.77 13.40 -5.50
C PHE A 38 10.50 14.23 -5.61
N TYR A 39 9.68 13.94 -6.62
CA TYR A 39 8.48 14.73 -6.84
C TYR A 39 7.49 14.59 -5.69
N LEU A 40 7.38 13.39 -5.11
CA LEU A 40 6.56 13.22 -3.91
C LEU A 40 7.07 14.12 -2.79
N GLY A 41 8.39 14.17 -2.61
CA GLY A 41 8.96 15.06 -1.61
C GLY A 41 8.70 16.52 -1.89
N GLN A 42 8.80 16.93 -3.16
CA GLN A 42 8.52 18.32 -3.49
C GLN A 42 7.04 18.65 -3.29
N TYR A 43 6.15 17.70 -3.58
CA TYR A 43 4.72 17.93 -3.33
C TYR A 43 4.47 18.16 -1.84
N ILE A 44 5.05 17.31 -0.99
CA ILE A 44 4.91 17.50 0.45
C ILE A 44 5.50 18.86 0.86
N MET A 45 6.67 19.20 0.31
CA MET A 45 7.31 20.45 0.70
C MET A 45 6.54 21.66 0.16
N THR A 46 6.02 21.57 -1.06
CA THR A 46 5.33 22.73 -1.61
C THR A 46 3.98 22.94 -0.91
N LYS A 47 3.32 21.87 -0.47
CA LYS A 47 2.05 21.99 0.24
C LYS A 47 2.23 22.15 1.75
N ARG A 48 3.45 22.02 2.26
CA ARG A 48 3.74 22.23 3.68
C ARG A 48 2.95 21.25 4.56
N LEU A 49 2.94 19.97 4.14
CA LEU A 49 2.17 18.98 4.86
C LEU A 49 2.89 18.41 6.07
N TYR A 50 4.20 18.68 6.23
CA TYR A 50 4.94 18.12 7.35
C TYR A 50 4.80 19.03 8.57
N ASP A 51 4.91 18.42 9.76
CA ASP A 51 4.79 19.17 11.00
C ASP A 51 6.05 20.01 11.23
N ALA A 52 5.86 21.28 11.58
CA ALA A 52 6.98 22.20 11.68
C ALA A 52 7.92 21.86 12.82
N ALA A 53 7.39 21.34 13.94
CA ALA A 53 8.24 20.99 15.07
C ALA A 53 8.85 19.60 14.91
N GLN A 54 8.03 18.63 14.52
CA GLN A 54 8.46 17.25 14.35
C GLN A 54 8.33 16.93 12.87
N GLN A 55 9.39 17.20 12.10
CA GLN A 55 9.30 17.27 10.66
C GLN A 55 9.27 15.89 9.98
N HIS A 56 9.33 14.81 10.75
CA HIS A 56 9.10 13.49 10.16
C HIS A 56 7.61 13.15 10.06
N ILE A 57 6.74 13.90 10.74
CA ILE A 57 5.32 13.67 10.69
C ILE A 57 4.73 14.42 9.50
N VAL A 58 3.98 13.70 8.64
CA VAL A 58 3.29 14.30 7.49
C VAL A 58 1.80 14.10 7.71
N TYR A 59 1.03 15.19 7.68
CA TYR A 59 -0.42 15.17 7.82
C TYR A 59 -1.02 15.22 6.43
N CYS A 60 -1.92 14.28 6.13
CA CYS A 60 -2.48 14.27 4.79
C CYS A 60 -3.94 13.84 4.75
N SER A 61 -4.68 13.95 5.84
CA SER A 61 -6.07 13.50 5.84
C SER A 61 -6.97 14.38 4.98
N ASN A 62 -6.64 15.66 4.87
CA ASN A 62 -7.39 16.60 4.04
C ASN A 62 -6.84 16.69 2.62
N ASP A 63 -5.99 15.77 2.20
CA ASP A 63 -5.20 15.96 0.99
C ASP A 63 -5.26 14.75 0.08
N LEU A 64 -4.98 15.01 -1.20
CA LEU A 64 -4.90 13.96 -2.21
C LEU A 64 -3.92 12.86 -1.82
N LEU A 65 -2.87 13.22 -1.09
CA LEU A 65 -1.89 12.22 -0.71
C LEU A 65 -2.48 11.17 0.24
N GLY A 66 -3.39 11.57 1.12
CA GLY A 66 -3.95 10.64 2.08
C GLY A 66 -4.91 9.65 1.45
N ASP A 67 -5.60 10.06 0.37
CA ASP A 67 -6.42 9.09 -0.36
C ASP A 67 -5.54 8.16 -1.17
N LEU A 68 -4.48 8.69 -1.79
CA LEU A 68 -3.51 7.88 -2.50
C LEU A 68 -2.88 6.84 -1.58
N PHE A 69 -2.32 7.29 -0.44
CA PHE A 69 -1.66 6.38 0.49
C PHE A 69 -2.63 5.63 1.40
N GLY A 70 -3.85 6.14 1.57
CA GLY A 70 -4.82 5.45 2.40
C GLY A 70 -4.61 5.59 3.89
N VAL A 71 -3.90 6.62 4.33
CA VAL A 71 -3.71 6.89 5.76
C VAL A 71 -4.01 8.36 6.01
N PRO A 72 -4.40 8.71 7.24
CA PRO A 72 -4.59 10.12 7.57
C PRO A 72 -3.28 10.84 7.79
N SER A 73 -2.20 10.11 8.01
CA SER A 73 -0.88 10.67 8.29
C SER A 73 0.14 9.55 8.34
N PHE A 74 1.41 9.91 8.29
CA PHE A 74 2.47 8.91 8.35
C PHE A 74 3.77 9.58 8.80
N SER A 75 4.75 8.74 9.12
CA SER A 75 6.06 9.21 9.58
C SER A 75 7.11 8.83 8.55
N VAL A 76 7.90 9.81 8.11
CA VAL A 76 8.94 9.55 7.12
C VAL A 76 9.97 8.55 7.64
N LYS A 77 10.08 8.39 8.96
CA LYS A 77 10.98 7.36 9.50
C LYS A 77 10.57 5.95 9.09
N GLU A 78 9.31 5.73 8.72
CA GLU A 78 8.82 4.38 8.40
C GLU A 78 8.99 4.12 6.90
N HIS A 79 10.23 3.81 6.52
CA HIS A 79 10.58 3.67 5.10
C HIS A 79 9.83 2.53 4.43
N ARG A 80 9.88 1.33 5.02
CA ARG A 80 9.25 0.18 4.39
CA ARG A 80 9.24 0.17 4.41
C ARG A 80 7.75 0.39 4.23
N LYS A 81 7.11 1.12 5.14
CA LYS A 81 5.71 1.46 4.99
C LYS A 81 5.49 2.38 3.80
N ILE A 82 6.36 3.37 3.63
CA ILE A 82 6.17 4.33 2.55
C ILE A 82 6.38 3.66 1.20
N TYR A 83 7.38 2.78 1.11
CA TYR A 83 7.63 2.06 -0.15
C TYR A 83 6.44 1.20 -0.54
N THR A 84 5.85 0.51 0.43
CA THR A 84 4.65 -0.28 0.14
C THR A 84 3.53 0.62 -0.35
N MET A 85 3.38 1.81 0.25
CA MET A 85 2.33 2.72 -0.20
C MET A 85 2.61 3.24 -1.59
N ILE A 86 3.88 3.43 -1.94
CA ILE A 86 4.22 3.90 -3.28
C ILE A 86 4.08 2.77 -4.29
N TYR A 87 4.62 1.58 -3.97
CA TYR A 87 4.55 0.46 -4.91
C TYR A 87 3.11 0.05 -5.21
N ARG A 88 2.18 0.33 -4.29
CA ARG A 88 0.76 0.09 -4.54
C ARG A 88 0.21 0.99 -5.63
N ASN A 89 0.85 2.14 -5.87
CA ASN A 89 0.37 3.11 -6.85
C ASN A 89 1.26 3.14 -8.09
N LEU A 90 2.10 2.13 -8.26
CA LEU A 90 3.07 2.07 -9.34
C LEU A 90 2.93 0.75 -10.09
N VAL A 91 3.49 0.71 -11.29
CA VAL A 91 3.72 -0.52 -12.03
C VAL A 91 5.19 -0.53 -12.42
N VAL A 92 5.95 -1.44 -11.81
CA VAL A 92 7.38 -1.55 -12.06
C VAL A 92 7.63 -2.39 -13.30
N VAL A 93 8.52 -1.92 -14.17
CA VAL A 93 8.90 -2.68 -15.36
C VAL A 93 9.98 -3.68 -14.98
N ASN A 94 9.87 -4.89 -15.53
CA ASN A 94 10.82 -5.96 -15.20
C ASN A 94 11.89 -6.08 -16.27
N GLY B 1 16.49 10.46 2.61
CA GLY B 1 16.80 9.17 3.19
C GLY B 1 16.10 8.02 2.48
N LEU B 2 14.85 8.26 2.08
CA LEU B 2 14.11 7.30 1.29
C LEU B 2 14.77 7.02 -0.05
N ILE B 3 15.58 7.94 -0.53
CA ILE B 3 16.16 7.82 -1.87
C ILE B 3 17.53 7.17 -1.82
N ASP B 4 18.43 7.71 -0.99
CA ASP B 4 19.82 7.29 -1.03
C ASP B 4 20.41 6.97 0.34
N GLY B 5 19.63 7.05 1.42
CA GLY B 5 20.13 6.75 2.74
C GLY B 5 20.61 7.94 3.55
N THR B 6 20.51 9.14 2.98
CA THR B 6 20.91 10.37 3.67
C THR B 6 20.25 10.48 5.04
N GLU B 7 21.03 10.94 6.02
CA GLU B 7 20.57 11.09 7.39
C GLU B 7 20.41 12.56 7.75
N GLY B 8 19.55 12.80 8.73
CA GLY B 8 19.19 14.14 9.13
C GLY B 8 17.84 14.13 9.81
N THR B 9 17.48 15.30 10.36
CA THR B 9 16.25 15.44 11.12
C THR B 9 15.23 16.38 10.48
N ASP B 10 15.66 17.37 9.70
CA ASP B 10 14.74 18.19 8.93
C ASP B 10 14.01 17.34 7.90
N PHE B 11 12.86 17.83 7.42
CA PHE B 11 12.06 17.03 6.49
C PHE B 11 12.88 16.63 5.26
N GLU B 12 13.61 17.59 4.68
CA GLU B 12 14.28 17.35 3.41
C GLU B 12 15.34 16.25 3.54
N SER B 13 16.16 16.29 4.58
CA SER B 13 17.16 15.24 4.78
C SER B 13 16.50 13.90 5.04
N MET B 14 15.39 13.91 5.79
CA MET B 14 14.70 12.66 6.07
C MET B 14 14.07 12.09 4.81
N TRP B 15 13.44 12.95 3.98
CA TRP B 15 12.87 12.44 2.74
C TRP B 15 13.96 11.97 1.79
N ARG B 16 15.05 12.72 1.65
CA ARG B 16 16.16 12.26 0.82
C ARG B 16 16.67 10.89 1.30
N GLN C 1 2.74 -15.17 6.22
CA GLN C 1 2.84 -16.60 6.48
C GLN C 1 2.52 -17.43 5.25
N ILE C 2 2.27 -16.79 4.12
CA ILE C 2 2.07 -17.55 2.88
C ILE C 2 3.42 -18.07 2.41
N PRO C 3 3.55 -19.36 2.07
CA PRO C 3 4.84 -19.88 1.60
C PRO C 3 5.34 -19.10 0.39
N ALA C 4 6.65 -19.10 0.23
CA ALA C 4 7.27 -18.36 -0.86
C ALA C 4 6.77 -18.83 -2.21
N SER C 5 6.74 -20.15 -2.43
CA SER C 5 6.24 -20.69 -3.69
C SER C 5 4.76 -20.40 -3.89
N GLU C 6 4.00 -20.17 -2.83
CA GLU C 6 2.58 -19.89 -2.97
C GLU C 6 2.31 -18.43 -3.31
N GLN C 7 3.25 -17.53 -3.04
CA GLN C 7 3.04 -16.11 -3.33
C GLN C 7 2.91 -15.86 -4.83
N GLU C 8 3.60 -16.66 -5.65
CA GLU C 8 3.57 -16.50 -7.09
C GLU C 8 2.47 -17.30 -7.78
N THR C 9 1.79 -18.18 -7.03
CA THR C 9 0.82 -19.08 -7.63
C THR C 9 -0.37 -18.31 -8.21
N LEU C 10 -0.79 -18.71 -9.41
CA LEU C 10 -1.94 -18.08 -10.06
C LEU C 10 -3.24 -18.53 -9.41
N VAL C 11 -4.16 -17.59 -9.21
CA VAL C 11 -5.45 -17.89 -8.61
C VAL C 11 -6.57 -17.25 -9.42
N ARG C 12 -7.72 -17.89 -9.44
CA ARG C 12 -8.89 -17.32 -10.11
C ARG C 12 -9.94 -16.94 -9.07
N PRO C 13 -10.13 -15.65 -8.80
CA PRO C 13 -11.09 -15.25 -7.77
C PRO C 13 -12.53 -15.55 -8.19
N LYS C 14 -13.35 -15.91 -7.22
CA LYS C 14 -14.79 -16.04 -7.44
C LYS C 14 -15.38 -14.65 -7.64
N PRO C 15 -16.62 -14.54 -8.14
CA PRO C 15 -17.09 -13.23 -8.63
C PRO C 15 -17.09 -12.11 -7.59
N LEU C 16 -17.46 -12.37 -6.34
CA LEU C 16 -17.48 -11.32 -5.34
C LEU C 16 -16.09 -10.78 -5.07
N LEU C 17 -15.12 -11.67 -4.84
CA LEU C 17 -13.74 -11.23 -4.68
C LEU C 17 -13.25 -10.49 -5.91
N LEU C 18 -13.67 -10.93 -7.10
CA LEU C 18 -13.29 -10.23 -8.33
C LEU C 18 -13.75 -8.77 -8.28
N LYS C 19 -15.01 -8.55 -7.92
CA LYS C 19 -15.52 -7.18 -7.83
C LYS C 19 -14.67 -6.33 -6.88
N LEU C 20 -14.28 -6.88 -5.74
CA LEU C 20 -13.47 -6.14 -4.78
C LEU C 20 -12.14 -5.72 -5.39
N LEU C 21 -11.44 -6.66 -6.03
CA LEU C 21 -10.13 -6.36 -6.58
C LEU C 21 -10.20 -5.32 -7.68
N LYS C 22 -11.28 -5.31 -8.46
CA LYS C 22 -11.44 -4.31 -9.50
C LYS C 22 -11.66 -2.92 -8.91
N SER C 23 -12.32 -2.84 -7.75
CA SER C 23 -12.66 -1.54 -7.18
C SER C 23 -11.42 -0.74 -6.76
N VAL C 24 -10.26 -1.38 -6.66
CA VAL C 24 -9.02 -0.67 -6.37
C VAL C 24 -8.12 -0.73 -7.60
N GLY C 25 -8.73 -0.67 -8.79
CA GLY C 25 -7.99 -0.61 -10.03
C GLY C 25 -7.09 -1.80 -10.29
N ALA C 26 -7.68 -2.95 -10.63
CA ALA C 26 -6.94 -4.14 -11.00
C ALA C 26 -7.07 -4.49 -12.47
N GLN C 27 -8.31 -4.58 -12.98
CA GLN C 27 -8.58 -4.79 -14.40
C GLN C 27 -8.03 -6.13 -14.88
N LYS C 28 -8.29 -7.19 -14.12
CA LYS C 28 -7.77 -8.51 -14.45
C LYS C 28 -8.71 -9.58 -13.93
N ASP C 29 -8.64 -10.75 -14.56
CA ASP C 29 -9.46 -11.89 -14.16
C ASP C 29 -8.69 -12.96 -13.38
N THR C 30 -7.36 -12.98 -13.51
CA THR C 30 -6.53 -13.95 -12.81
C THR C 30 -5.39 -13.20 -12.14
N TYR C 31 -5.09 -13.61 -10.91
CA TYR C 31 -4.15 -12.92 -10.03
C TYR C 31 -3.16 -13.94 -9.48
N THR C 32 -2.03 -13.44 -8.98
CA THR C 32 -1.24 -14.26 -8.07
C THR C 32 -1.73 -14.05 -6.65
N MET C 33 -1.43 -15.04 -5.78
CA MET C 33 -1.82 -14.95 -4.37
C MET C 33 -1.29 -13.66 -3.74
N LYS C 34 -0.04 -13.32 -4.04
CA LYS C 34 0.55 -12.10 -3.49
C LYS C 34 -0.20 -10.86 -3.96
N GLU C 35 -0.60 -10.83 -5.23
CA GLU C 35 -1.42 -9.73 -5.73
C GLU C 35 -2.74 -9.62 -4.96
N VAL C 36 -3.41 -10.76 -4.76
CA VAL C 36 -4.65 -10.77 -3.98
C VAL C 36 -4.43 -10.13 -2.62
N LEU C 37 -3.38 -10.55 -1.91
CA LEU C 37 -3.17 -10.05 -0.56
C LEU C 37 -2.85 -8.55 -0.56
N PHE C 38 -2.05 -8.10 -1.52
CA PHE C 38 -1.73 -6.68 -1.58
C PHE C 38 -2.95 -5.85 -1.93
N TYR C 39 -3.76 -6.30 -2.90
CA TYR C 39 -4.94 -5.53 -3.27
C TYR C 39 -5.99 -5.55 -2.16
N LEU C 40 -6.20 -6.71 -1.52
CA LEU C 40 -7.05 -6.78 -0.33
C LEU C 40 -6.62 -5.77 0.72
N GLY C 41 -5.32 -5.76 1.04
CA GLY C 41 -4.81 -4.74 1.96
C GLY C 41 -5.14 -3.33 1.52
N GLN C 42 -4.89 -3.02 0.24
CA GLN C 42 -5.17 -1.67 -0.27
C GLN C 42 -6.64 -1.33 -0.16
N TYR C 43 -7.52 -2.30 -0.44
CA TYR C 43 -8.95 -2.08 -0.33
C TYR C 43 -9.36 -1.72 1.09
N ILE C 44 -8.84 -2.46 2.08
CA ILE C 44 -9.20 -2.20 3.47
C ILE C 44 -8.72 -0.83 3.90
N MET C 45 -7.51 -0.45 3.51
CA MET C 45 -7.00 0.87 3.86
C MET C 45 -7.78 1.97 3.15
N THR C 46 -8.07 1.76 1.86
CA THR C 46 -8.77 2.78 1.09
C THR C 46 -10.16 3.05 1.66
N LYS C 47 -10.84 2.02 2.15
CA LYS C 47 -12.15 2.19 2.76
C LYS C 47 -12.09 2.45 4.26
N ARG C 48 -10.91 2.52 4.86
CA ARG C 48 -10.75 2.83 6.28
C ARG C 48 -11.55 1.88 7.16
N LEU C 49 -11.56 0.60 6.79
CA LEU C 49 -12.31 -0.39 7.55
C LEU C 49 -11.64 -0.76 8.87
N TYR C 50 -10.36 -0.45 9.04
CA TYR C 50 -9.64 -0.82 10.25
C TYR C 50 -9.92 0.18 11.37
N ASP C 51 -9.96 -0.35 12.60
CA ASP C 51 -10.07 0.51 13.78
C ASP C 51 -8.85 1.39 13.91
N ALA C 52 -9.07 2.64 14.33
CA ALA C 52 -7.95 3.58 14.43
C ALA C 52 -7.08 3.30 15.65
N ALA C 53 -7.67 2.78 16.73
CA ALA C 53 -6.94 2.52 17.96
C ALA C 53 -6.36 1.11 18.01
N GLN C 54 -7.17 0.12 17.69
CA GLN C 54 -6.75 -1.29 17.66
C GLN C 54 -6.72 -1.70 16.19
N GLN C 55 -5.63 -1.32 15.51
CA GLN C 55 -5.58 -1.34 14.06
C GLN C 55 -5.62 -2.74 13.47
N HIS C 56 -5.52 -3.79 14.28
CA HIS C 56 -5.74 -5.14 13.76
C HIS C 56 -7.20 -5.45 13.57
N ILE C 57 -8.10 -4.59 14.02
CA ILE C 57 -9.53 -4.86 13.96
C ILE C 57 -10.08 -4.31 12.64
N VAL C 58 -10.74 -5.18 11.87
CA VAL C 58 -11.37 -4.77 10.61
C VAL C 58 -12.87 -4.98 10.74
N TYR C 59 -13.63 -3.89 10.68
CA TYR C 59 -15.08 -3.97 10.66
C TYR C 59 -15.57 -4.07 9.22
N CYS C 60 -16.48 -5.00 8.95
CA CYS C 60 -16.95 -5.15 7.58
C CYS C 60 -18.41 -5.61 7.51
N SER C 61 -19.19 -5.33 8.54
CA SER C 61 -20.59 -5.76 8.52
C SER C 61 -21.39 -5.02 7.47
N ASN C 62 -21.00 -3.80 7.12
CA ASN C 62 -21.71 -2.98 6.15
C ASN C 62 -20.94 -2.84 4.84
N ASP C 63 -20.26 -3.91 4.42
CA ASP C 63 -19.35 -3.82 3.29
C ASP C 63 -19.38 -5.14 2.51
N LEU C 64 -18.96 -5.04 1.24
CA LEU C 64 -18.85 -6.23 0.39
C LEU C 64 -17.86 -7.23 0.97
N LEU C 65 -16.85 -6.75 1.70
CA LEU C 65 -15.90 -7.67 2.33
C LEU C 65 -16.59 -8.59 3.33
N GLY C 66 -17.64 -8.11 4.00
CA GLY C 66 -18.35 -8.92 4.97
C GLY C 66 -19.18 -10.01 4.32
N ASP C 67 -19.73 -9.75 3.14
CA ASP C 67 -20.40 -10.81 2.41
C ASP C 67 -19.39 -11.79 1.81
N LEU C 68 -18.26 -11.27 1.31
CA LEU C 68 -17.20 -12.11 0.78
C LEU C 68 -16.66 -13.07 1.84
N PHE C 69 -16.23 -12.51 2.97
CA PHE C 69 -15.62 -13.35 4.01
C PHE C 69 -16.65 -14.05 4.89
N GLY C 70 -17.88 -13.56 4.93
CA GLY C 70 -18.92 -14.23 5.68
C GLY C 70 -18.92 -13.91 7.16
N VAL C 71 -18.31 -12.81 7.57
CA VAL C 71 -18.22 -12.43 8.98
C VAL C 71 -18.53 -10.95 9.11
N PRO C 72 -18.93 -10.51 10.31
CA PRO C 72 -19.15 -9.07 10.52
C PRO C 72 -17.87 -8.28 10.80
N SER C 73 -16.78 -8.94 11.21
CA SER C 73 -15.50 -8.31 11.51
C SER C 73 -14.46 -9.39 11.72
N PHE C 74 -13.18 -9.00 11.73
CA PHE C 74 -12.10 -9.95 11.95
C PHE C 74 -10.85 -9.20 12.38
N SER C 75 -9.88 -9.95 12.90
CA SER C 75 -8.58 -9.42 13.33
C SER C 75 -7.49 -9.86 12.36
N VAL C 76 -6.61 -8.92 12.02
CA VAL C 76 -5.49 -9.21 11.11
C VAL C 76 -4.51 -10.22 11.71
N LYS C 77 -4.51 -10.37 13.03
CA LYS C 77 -3.60 -11.31 13.65
C LYS C 77 -4.07 -12.75 13.53
N GLU C 78 -5.26 -12.97 12.99
CA GLU C 78 -5.79 -14.31 12.80
C GLU C 78 -5.43 -14.81 11.39
N HIS C 79 -4.13 -15.07 11.20
CA HIS C 79 -3.62 -15.38 9.86
C HIS C 79 -4.32 -16.59 9.25
N ARG C 80 -4.39 -17.70 10.01
CA ARG C 80 -5.02 -18.91 9.49
CA ARG C 80 -5.01 -18.91 9.48
C ARG C 80 -6.48 -18.67 9.11
N LYS C 81 -7.19 -17.88 9.92
CA LYS C 81 -8.59 -17.61 9.61
C LYS C 81 -8.72 -16.82 8.32
N ILE C 82 -7.88 -15.81 8.13
CA ILE C 82 -7.93 -14.98 6.93
C ILE C 82 -7.59 -15.81 5.70
N TYR C 83 -6.53 -16.63 5.78
CA TYR C 83 -6.17 -17.47 4.65
C TYR C 83 -7.34 -18.36 4.26
N THR C 84 -8.01 -18.94 5.26
CA THR C 84 -9.16 -19.80 5.00
C THR C 84 -10.29 -19.02 4.32
N MET C 85 -10.56 -17.80 4.80
CA MET C 85 -11.60 -16.99 4.15
C MET C 85 -11.20 -16.58 2.75
N ILE C 86 -9.91 -16.36 2.50
CA ILE C 86 -9.48 -16.00 1.16
C ILE C 86 -9.58 -17.21 0.23
N TYR C 87 -8.99 -18.33 0.63
CA TYR C 87 -8.95 -19.51 -0.26
C TYR C 87 -10.35 -20.00 -0.62
N ARG C 88 -11.32 -19.78 0.24
CA ARG C 88 -12.71 -20.15 -0.08
C ARG C 88 -13.24 -19.37 -1.27
N ASN C 89 -12.70 -18.17 -1.53
CA ASN C 89 -13.22 -17.29 -2.57
C ASN C 89 -12.32 -17.25 -3.79
N LEU C 90 -11.48 -18.27 -3.99
CA LEU C 90 -10.69 -18.37 -5.21
C LEU C 90 -10.46 -19.84 -5.54
N VAL C 91 -10.03 -20.08 -6.77
CA VAL C 91 -9.56 -21.39 -7.20
C VAL C 91 -8.07 -21.28 -7.51
N VAL C 92 -7.27 -22.13 -6.89
CA VAL C 92 -5.84 -22.17 -7.16
C VAL C 92 -5.61 -23.05 -8.37
N VAL C 93 -5.01 -22.48 -9.41
CA VAL C 93 -4.84 -23.14 -10.69
C VAL C 93 -3.38 -23.54 -10.91
N ASN C 94 -2.63 -23.70 -9.81
CA ASN C 94 -1.19 -23.99 -9.84
C ASN C 94 -0.45 -22.96 -10.69
N GLY D 1 2.39 -8.75 7.57
CA GLY D 1 2.56 -10.00 8.29
C GLY D 1 1.97 -11.23 7.61
N LEU D 2 0.89 -11.02 6.84
CA LEU D 2 0.32 -12.13 6.07
C LEU D 2 1.29 -12.61 5.01
N ILE D 3 2.23 -11.77 4.59
CA ILE D 3 3.21 -12.17 3.59
C ILE D 3 4.47 -12.71 4.25
N ASP D 4 5.08 -11.93 5.16
CA ASP D 4 6.40 -12.27 5.68
C ASP D 4 6.40 -12.72 7.13
N GLY D 5 5.26 -12.68 7.82
CA GLY D 5 5.18 -13.06 9.22
C GLY D 5 5.48 -11.94 10.19
N THR D 6 5.63 -10.71 9.72
CA THR D 6 5.83 -9.56 10.60
C THR D 6 4.62 -9.42 11.53
N GLU D 7 4.90 -9.14 12.79
CA GLU D 7 3.86 -8.78 13.75
C GLU D 7 4.08 -7.30 14.07
N GLY D 8 3.28 -6.46 13.45
CA GLY D 8 3.46 -5.02 13.54
C GLY D 8 2.63 -4.41 14.65
N THR D 9 2.44 -3.08 14.54
CA THR D 9 1.70 -2.32 15.53
C THR D 9 0.62 -1.43 14.92
N ASP D 10 0.59 -1.27 13.60
CA ASP D 10 -0.46 -0.58 12.87
C ASP D 10 -0.93 -1.49 11.75
N PHE D 11 -1.87 -1.02 10.93
CA PHE D 11 -2.51 -1.93 9.98
C PHE D 11 -1.51 -2.48 8.98
N GLU D 12 -0.74 -1.60 8.33
CA GLU D 12 0.09 -2.02 7.19
C GLU D 12 1.15 -3.02 7.61
N SER D 13 1.85 -2.76 8.72
CA SER D 13 2.83 -3.73 9.21
C SER D 13 2.17 -5.05 9.57
N MET D 14 0.98 -5.00 10.17
CA MET D 14 0.26 -6.23 10.49
C MET D 14 -0.25 -6.93 9.24
N TRP D 15 -0.80 -6.18 8.29
CA TRP D 15 -1.24 -6.81 7.05
C TRP D 15 -0.05 -7.34 6.26
N ARG D 16 1.10 -6.67 6.34
CA ARG D 16 2.31 -7.18 5.71
C ARG D 16 2.66 -8.56 6.24
#